data_6I06
#
_entry.id   6I06
#
_cell.length_a   59.100
_cell.length_b   59.100
_cell.length_c   87.000
_cell.angle_alpha   90.00
_cell.angle_beta   90.00
_cell.angle_gamma   120.00
#
_symmetry.space_group_name_H-M   'P 32'
#
loop_
_entity.id
_entity.type
_entity.pdbx_description
1 polymer 'Phosphoglycerate kinase'
2 water water
#
_entity_poly.entity_id   1
_entity_poly.type   'polypeptide(L)'
_entity_poly.pdbx_seq_one_letter_code
;MTVLKMTDLDLQGKRVLIREDLNVPVKDGVVTSDARILASLPTIKLALEKGAAVMVCSHLGRPTEGEFSAENSLKPVADY
LSKALGREVPLVSDYLNGVDVKAGDIVLFENVRFNKGEKKNADELAKQYAALCDVFVMDAFGTAHRAEGSTHGVAKFAKV
AAAGPLLAAELDALGKALGAPAKPMAAIVAGSKVSTKLDVLNSLSQICDLLIVGGGIADTFLAAAGHPVGKSLYEPDLLD
TARAIAAKVNVPLPTDVVVAKEFAESAEATVKLIADVAADDMILDIGPQTAEHFAQLLKTSKTILWNGPVGVFEFDQFGN
GTKVLAKAIADSAAFSIAGGGDTLAAIDKYGVADQISYISTGGGAFLEFVEGKVLPAVEVLESRAKA
;
_entity_poly.pdbx_strand_id   A
#
# COMPACT_ATOMS: atom_id res chain seq x y z
N THR A 2 -7.87 20.16 0.40
CA THR A 2 -7.74 19.86 -1.02
C THR A 2 -6.33 20.14 -1.51
N VAL A 3 -5.98 19.57 -2.65
CA VAL A 3 -4.66 19.75 -3.24
C VAL A 3 -4.84 20.14 -4.70
N LEU A 4 -3.84 20.86 -5.22
CA LEU A 4 -3.83 21.16 -6.65
C LEU A 4 -3.61 19.88 -7.44
N LYS A 5 -4.18 19.84 -8.64
CA LYS A 5 -4.11 18.66 -9.50
C LYS A 5 -3.29 18.99 -10.74
N MET A 6 -2.35 18.10 -11.07
CA MET A 6 -1.54 18.28 -12.27
C MET A 6 -2.40 18.38 -13.53
N THR A 7 -3.54 17.70 -13.54
CA THR A 7 -4.41 17.72 -14.71
C THR A 7 -4.95 19.12 -15.01
N ASP A 8 -5.13 19.94 -13.98
CA ASP A 8 -5.76 21.25 -14.13
C ASP A 8 -4.76 22.36 -14.43
N LEU A 9 -3.47 22.07 -14.45
CA LEU A 9 -2.45 23.09 -14.62
C LEU A 9 -2.03 23.24 -16.07
N ASP A 10 -1.61 24.46 -16.42
CA ASP A 10 -1.02 24.74 -17.73
C ASP A 10 0.47 24.44 -17.65
N LEU A 11 0.91 23.40 -18.35
CA LEU A 11 2.29 22.95 -18.29
C LEU A 11 3.04 23.18 -19.59
N GLN A 12 2.47 23.96 -20.51
CA GLN A 12 3.09 24.19 -21.81
C GLN A 12 4.41 24.94 -21.64
N GLY A 13 5.52 24.27 -22.01
CA GLY A 13 6.84 24.84 -21.91
C GLY A 13 7.41 24.91 -20.51
N LYS A 14 6.73 24.36 -19.51
CA LYS A 14 7.19 24.40 -18.14
C LYS A 14 8.02 23.16 -17.81
N ARG A 15 8.99 23.33 -16.91
CA ARG A 15 9.77 22.22 -16.40
C ARG A 15 9.02 21.62 -15.20
N VAL A 16 8.67 20.34 -15.30
CA VAL A 16 7.85 19.67 -14.29
C VAL A 16 8.65 18.51 -13.70
N LEU A 17 8.83 18.53 -12.40
CA LEU A 17 9.48 17.45 -11.66
C LEU A 17 8.41 16.57 -11.03
N ILE A 18 8.39 15.30 -11.39
CA ILE A 18 7.36 14.36 -10.96
C ILE A 18 7.99 13.30 -10.09
N ARG A 19 7.58 13.25 -8.82
CA ARG A 19 8.02 12.20 -7.91
C ARG A 19 7.11 10.98 -8.12
N GLU A 20 7.67 9.93 -8.71
CA GLU A 20 6.96 8.68 -8.93
C GLU A 20 7.50 7.60 -8.00
N ASP A 21 6.72 6.54 -7.84
CA ASP A 21 7.13 5.35 -7.10
C ASP A 21 7.58 4.33 -8.13
N LEU A 22 8.86 4.36 -8.48
CA LEU A 22 9.46 3.40 -9.40
C LEU A 22 10.39 2.44 -8.68
N ASN A 23 10.18 2.24 -7.38
CA ASN A 23 10.97 1.30 -6.58
C ASN A 23 10.50 -0.11 -6.92
N VAL A 24 11.06 -0.66 -7.99
CA VAL A 24 10.61 -1.94 -8.53
C VAL A 24 11.68 -3.01 -8.32
N PRO A 25 11.31 -4.29 -8.28
CA PRO A 25 12.32 -5.34 -8.17
C PRO A 25 13.23 -5.37 -9.39
N VAL A 26 14.53 -5.41 -9.13
CA VAL A 26 15.56 -5.47 -10.16
C VAL A 26 16.51 -6.62 -9.83
N LYS A 27 16.87 -7.38 -10.85
CA LYS A 27 17.88 -8.43 -10.71
C LYS A 27 18.86 -8.31 -11.87
N ASP A 28 20.14 -8.11 -11.53
CA ASP A 28 21.21 -7.99 -12.53
C ASP A 28 20.91 -6.90 -13.56
N GLY A 29 20.46 -5.75 -13.06
CA GLY A 29 20.22 -4.60 -13.91
C GLY A 29 19.02 -4.72 -14.82
N VAL A 30 18.01 -5.51 -14.44
CA VAL A 30 16.81 -5.73 -15.23
C VAL A 30 15.59 -5.61 -14.32
N VAL A 31 14.60 -4.83 -14.73
CA VAL A 31 13.33 -4.79 -14.02
C VAL A 31 12.62 -6.13 -14.20
N THR A 32 12.18 -6.73 -13.09
CA THR A 32 11.56 -8.05 -13.12
C THR A 32 10.06 -8.04 -12.90
N SER A 33 9.52 -6.99 -12.30
CA SER A 33 8.08 -6.78 -12.22
C SER A 33 7.80 -5.29 -12.35
N ASP A 34 7.00 -4.92 -13.33
CA ASP A 34 6.86 -3.54 -13.77
C ASP A 34 5.55 -2.90 -13.35
N ALA A 35 4.82 -3.48 -12.41
CA ALA A 35 3.49 -2.99 -12.07
C ALA A 35 3.52 -1.52 -11.65
N ARG A 36 4.53 -1.14 -10.88
CA ARG A 36 4.61 0.24 -10.42
C ARG A 36 4.96 1.19 -11.56
N ILE A 37 5.74 0.74 -12.54
CA ILE A 37 6.06 1.59 -13.68
C ILE A 37 4.84 1.75 -14.59
N LEU A 38 4.12 0.65 -14.83
CA LEU A 38 2.92 0.71 -15.64
C LEU A 38 1.90 1.68 -15.04
N ALA A 39 1.76 1.66 -13.71
CA ALA A 39 0.82 2.56 -13.05
C ALA A 39 1.22 4.02 -13.21
N SER A 40 2.51 4.30 -13.30
CA SER A 40 2.99 5.68 -13.39
C SER A 40 3.00 6.21 -14.81
N LEU A 41 3.00 5.33 -15.81
CA LEU A 41 3.11 5.76 -17.20
C LEU A 41 2.01 6.75 -17.64
N PRO A 42 0.74 6.59 -17.25
CA PRO A 42 -0.25 7.62 -17.64
C PRO A 42 0.11 9.02 -17.18
N THR A 43 0.66 9.17 -15.97
CA THR A 43 1.07 10.48 -15.50
C THR A 43 2.16 11.06 -16.39
N ILE A 44 3.19 10.26 -16.69
CA ILE A 44 4.32 10.73 -17.49
C ILE A 44 3.86 11.11 -18.89
N LYS A 45 3.03 10.25 -19.51
CA LYS A 45 2.52 10.55 -20.85
C LYS A 45 1.66 11.79 -20.85
N LEU A 46 0.86 11.99 -19.80
CA LEU A 46 0.02 13.16 -19.71
C LEU A 46 0.85 14.44 -19.62
N ALA A 47 1.88 14.42 -18.76
CA ALA A 47 2.74 15.58 -18.61
C ALA A 47 3.37 15.97 -19.95
N LEU A 48 3.85 14.99 -20.70
CA LEU A 48 4.42 15.28 -22.02
C LEU A 48 3.33 15.75 -22.98
N GLU A 49 2.16 15.13 -22.95
CA GLU A 49 1.05 15.56 -23.78
C GLU A 49 0.67 17.01 -23.50
N LYS A 50 0.81 17.45 -22.25
CA LYS A 50 0.50 18.83 -21.88
C LYS A 50 1.62 19.80 -22.23
N GLY A 51 2.69 19.33 -22.86
CA GLY A 51 3.72 20.21 -23.37
C GLY A 51 4.84 20.53 -22.41
N ALA A 52 5.13 19.66 -21.45
CA ALA A 52 6.11 19.97 -20.43
C ALA A 52 7.47 19.41 -20.78
N ALA A 53 8.50 19.99 -20.15
CA ALA A 53 9.82 19.38 -20.06
C ALA A 53 9.84 18.57 -18.77
N VAL A 54 9.86 17.25 -18.89
CA VAL A 54 9.51 16.35 -17.79
C VAL A 54 10.78 15.77 -17.18
N MET A 55 10.89 15.88 -15.86
CA MET A 55 11.94 15.23 -15.08
C MET A 55 11.27 14.29 -14.08
N VAL A 56 11.55 13.00 -14.20
CA VAL A 56 10.99 11.99 -13.31
C VAL A 56 12.02 11.65 -12.26
N CYS A 57 11.59 11.57 -11.00
CA CYS A 57 12.46 11.13 -9.92
C CYS A 57 11.75 10.09 -9.06
N SER A 58 12.55 9.24 -8.44
CA SER A 58 12.05 8.16 -7.62
C SER A 58 13.18 7.63 -6.75
N HIS A 59 12.79 6.86 -5.74
CA HIS A 59 13.72 6.09 -4.92
C HIS A 59 13.81 4.66 -5.43
N LEU A 60 14.83 3.95 -4.95
CA LEU A 60 14.99 2.54 -5.27
C LEU A 60 15.81 1.90 -4.17
N GLY A 61 15.26 0.86 -3.53
CA GLY A 61 15.93 0.20 -2.44
C GLY A 61 16.16 1.18 -1.29
N ARG A 62 17.17 0.84 -0.48
CA ARG A 62 17.62 1.71 0.61
C ARG A 62 19.14 1.77 0.58
N PRO A 63 19.71 2.53 -0.35
CA PRO A 63 21.17 2.66 -0.41
C PRO A 63 21.68 3.52 0.73
N THR A 64 23.00 3.53 0.88
CA THR A 64 23.64 4.41 1.86
C THR A 64 23.74 5.81 1.27
N GLU A 65 23.22 6.79 2.00
CA GLU A 65 23.19 8.16 1.51
C GLU A 65 24.60 8.68 1.32
N GLY A 66 24.85 9.29 0.16
CA GLY A 66 26.14 9.86 -0.17
C GLY A 66 27.04 8.97 -1.02
N GLU A 67 26.84 7.66 -0.97
CA GLU A 67 27.67 6.71 -1.70
C GLU A 67 26.87 6.09 -2.84
N PHE A 68 27.43 6.12 -4.04
CA PHE A 68 26.78 5.51 -5.19
C PHE A 68 26.95 4.00 -5.15
N SER A 69 25.84 3.28 -5.27
CA SER A 69 25.85 1.82 -5.32
C SER A 69 25.11 1.39 -6.59
N ALA A 70 25.81 0.68 -7.47
CA ALA A 70 25.25 0.35 -8.79
C ALA A 70 23.99 -0.49 -8.69
N GLU A 71 23.89 -1.34 -7.66
CA GLU A 71 22.70 -2.18 -7.53
C GLU A 71 21.46 -1.38 -7.18
N ASN A 72 21.62 -0.14 -6.73
CA ASN A 72 20.50 0.74 -6.40
C ASN A 72 20.30 1.84 -7.44
N SER A 73 20.86 1.67 -8.63
CA SER A 73 20.72 2.68 -9.67
C SER A 73 19.40 2.48 -10.42
N LEU A 74 18.83 3.59 -10.88
CA LEU A 74 17.60 3.56 -11.64
C LEU A 74 17.82 3.32 -13.12
N LYS A 75 19.06 3.02 -13.53
CA LYS A 75 19.36 2.71 -14.92
C LYS A 75 18.46 1.63 -15.52
N PRO A 76 18.14 0.52 -14.82
CA PRO A 76 17.18 -0.43 -15.42
C PRO A 76 15.81 0.18 -15.67
N VAL A 77 15.39 1.16 -14.86
CA VAL A 77 14.11 1.81 -15.11
C VAL A 77 14.19 2.75 -16.30
N ALA A 78 15.36 3.38 -16.51
CA ALA A 78 15.53 4.19 -17.71
C ALA A 78 15.47 3.32 -18.97
N ASP A 79 16.05 2.13 -18.91
CA ASP A 79 15.90 1.17 -20.00
C ASP A 79 14.43 0.84 -20.25
N TYR A 80 13.70 0.54 -19.16
CA TYR A 80 12.29 0.20 -19.29
C TYR A 80 11.48 1.35 -19.86
N LEU A 81 11.68 2.55 -19.31
CA LEU A 81 10.92 3.71 -19.77
C LEU A 81 11.21 4.03 -21.24
N SER A 82 12.45 3.80 -21.69
CA SER A 82 12.77 4.02 -23.09
C SER A 82 11.97 3.11 -24.00
N LYS A 83 11.89 1.83 -23.64
CA LYS A 83 11.10 0.89 -24.44
C LYS A 83 9.61 1.19 -24.34
N ALA A 84 9.15 1.64 -23.17
CA ALA A 84 7.72 1.86 -22.96
C ALA A 84 7.22 3.07 -23.75
N LEU A 85 8.04 4.12 -23.84
CA LEU A 85 7.68 5.35 -24.54
C LEU A 85 8.18 5.40 -25.97
N GLY A 86 8.92 4.40 -26.43
CA GLY A 86 9.42 4.40 -27.80
C GLY A 86 10.37 5.53 -28.10
N ARG A 87 11.11 5.99 -27.10
CA ARG A 87 12.03 7.11 -27.27
C ARG A 87 13.07 7.04 -26.16
N GLU A 88 14.22 7.68 -26.40
CA GLU A 88 15.29 7.66 -25.41
C GLU A 88 14.87 8.41 -24.15
N VAL A 89 15.04 7.76 -23.01
CA VAL A 89 14.85 8.38 -21.70
C VAL A 89 16.17 8.32 -20.95
N PRO A 90 16.95 9.40 -20.97
CA PRO A 90 18.28 9.35 -20.37
C PRO A 90 18.22 9.34 -18.86
N LEU A 91 19.18 8.61 -18.27
CA LEU A 91 19.41 8.67 -16.83
C LEU A 91 20.42 9.79 -16.56
N VAL A 92 19.98 10.81 -15.82
CA VAL A 92 20.83 11.94 -15.46
C VAL A 92 21.33 11.69 -14.04
N SER A 93 22.64 11.48 -13.91
CA SER A 93 23.23 11.10 -12.63
C SER A 93 23.76 12.28 -11.82
N ASP A 94 23.99 13.44 -12.45
CA ASP A 94 24.36 14.66 -11.75
C ASP A 94 23.40 15.75 -12.20
N TYR A 95 22.51 16.18 -11.30
CA TYR A 95 21.43 17.08 -11.70
C TYR A 95 21.14 18.20 -10.71
N LEU A 96 21.58 18.12 -9.44
CA LEU A 96 21.18 19.10 -8.45
C LEU A 96 21.77 20.48 -8.68
N ASN A 97 22.78 20.60 -9.54
CA ASN A 97 23.34 21.90 -9.90
C ASN A 97 22.90 22.35 -11.29
N GLY A 98 21.83 21.76 -11.81
CA GLY A 98 21.33 22.11 -13.13
C GLY A 98 21.19 20.91 -14.05
N VAL A 99 20.14 20.89 -14.86
CA VAL A 99 19.91 19.82 -15.82
C VAL A 99 19.23 20.42 -17.06
N ASP A 100 19.69 19.99 -18.23
CA ASP A 100 19.23 20.54 -19.50
C ASP A 100 18.11 19.65 -20.04
N VAL A 101 16.89 20.18 -20.02
CA VAL A 101 15.73 19.45 -20.54
C VAL A 101 14.83 20.46 -21.26
N LYS A 102 14.51 20.18 -22.51
CA LYS A 102 13.65 21.01 -23.33
C LYS A 102 12.21 20.50 -23.28
N ALA A 103 11.28 21.39 -23.62
CA ALA A 103 9.88 20.99 -23.70
C ALA A 103 9.72 19.87 -24.71
N GLY A 104 8.96 18.85 -24.32
CA GLY A 104 8.80 17.66 -25.13
C GLY A 104 9.76 16.54 -24.81
N ASP A 105 10.84 16.82 -24.09
CA ASP A 105 11.82 15.83 -23.69
C ASP A 105 11.54 15.35 -22.27
N ILE A 106 12.15 14.21 -21.92
CA ILE A 106 11.97 13.62 -20.60
C ILE A 106 13.27 12.95 -20.17
N VAL A 107 13.64 13.15 -18.91
CA VAL A 107 14.81 12.51 -18.31
C VAL A 107 14.37 11.82 -17.02
N LEU A 108 15.18 10.86 -16.60
CA LEU A 108 14.98 10.17 -15.32
C LEU A 108 16.16 10.50 -14.41
N PHE A 109 15.88 11.15 -13.28
CA PHE A 109 16.91 11.41 -12.29
C PHE A 109 17.39 10.11 -11.68
N GLU A 110 18.69 10.07 -11.37
CA GLU A 110 19.21 8.95 -10.59
C GLU A 110 18.59 8.95 -9.20
N ASN A 111 18.56 7.77 -8.58
CA ASN A 111 17.98 7.51 -7.27
C ASN A 111 18.09 8.67 -6.30
N VAL A 112 16.95 9.19 -5.82
CA VAL A 112 16.96 10.29 -4.88
C VAL A 112 17.54 9.88 -3.53
N ARG A 113 17.52 8.58 -3.20
CA ARG A 113 18.08 8.13 -1.94
C ARG A 113 19.60 8.16 -1.93
N PHE A 114 20.24 8.45 -3.06
CA PHE A 114 21.68 8.71 -3.09
C PHE A 114 22.02 10.08 -2.54
N ASN A 115 21.07 11.02 -2.57
CA ASN A 115 21.36 12.42 -2.26
C ASN A 115 21.43 12.65 -0.76
N LYS A 116 22.53 13.22 -0.29
CA LYS A 116 22.69 13.54 1.12
C LYS A 116 21.63 14.55 1.56
N GLY A 117 20.91 14.22 2.62
CA GLY A 117 19.82 15.05 3.10
C GLY A 117 18.45 14.59 2.65
N GLU A 118 18.35 13.49 1.91
CA GLU A 118 17.06 13.05 1.38
C GLU A 118 16.18 12.49 2.49
N LYS A 119 16.71 11.55 3.28
CA LYS A 119 15.88 10.87 4.27
C LYS A 119 15.46 11.80 5.41
N LYS A 120 16.30 12.79 5.74
CA LYS A 120 15.98 13.72 6.81
C LYS A 120 15.40 15.04 6.30
N ASN A 121 15.08 15.11 5.00
CA ASN A 121 14.33 16.24 4.44
C ASN A 121 15.05 17.57 4.65
N ALA A 122 16.36 17.57 4.34
CA ALA A 122 17.16 18.77 4.54
C ALA A 122 16.69 19.89 3.63
N ASP A 123 16.64 21.11 4.18
CA ASP A 123 16.18 22.26 3.41
C ASP A 123 17.06 22.52 2.20
N GLU A 124 18.38 22.38 2.37
CA GLU A 124 19.30 22.67 1.27
C GLU A 124 19.03 21.79 0.06
N LEU A 125 18.78 20.50 0.29
CA LEU A 125 18.46 19.61 -0.82
C LEU A 125 17.07 19.90 -1.38
N ALA A 126 16.12 20.23 -0.51
CA ALA A 126 14.76 20.53 -0.95
C ALA A 126 14.74 21.73 -1.88
N LYS A 127 15.57 22.75 -1.60
CA LYS A 127 15.62 23.93 -2.45
C LYS A 127 16.34 23.64 -3.76
N GLN A 128 17.25 22.66 -3.77
CA GLN A 128 17.89 22.27 -5.02
C GLN A 128 16.89 21.60 -5.96
N TYR A 129 16.06 20.69 -5.42
CA TYR A 129 15.00 20.09 -6.23
C TYR A 129 14.08 21.16 -6.81
N ALA A 130 13.63 22.10 -5.96
CA ALA A 130 12.68 23.11 -6.42
C ALA A 130 13.28 24.02 -7.46
N ALA A 131 14.58 24.30 -7.37
CA ALA A 131 15.22 25.18 -8.35
C ALA A 131 15.26 24.58 -9.75
N LEU A 132 15.14 23.25 -9.86
CA LEU A 132 15.23 22.58 -11.15
C LEU A 132 13.91 22.61 -11.93
N CYS A 133 12.81 23.01 -11.31
CA CYS A 133 11.50 22.88 -11.93
C CYS A 133 10.69 24.16 -11.72
N ASP A 134 9.65 24.30 -12.56
CA ASP A 134 8.62 25.30 -12.34
C ASP A 134 7.43 24.72 -11.58
N VAL A 135 7.16 23.43 -11.74
CA VAL A 135 6.08 22.73 -11.04
C VAL A 135 6.64 21.44 -10.48
N PHE A 136 6.25 21.11 -9.25
CA PHE A 136 6.53 19.81 -8.66
C PHE A 136 5.23 19.03 -8.53
N VAL A 137 5.26 17.77 -8.94
CA VAL A 137 4.09 16.90 -8.92
C VAL A 137 4.41 15.70 -8.03
N MET A 138 3.64 15.52 -6.97
CA MET A 138 3.77 14.36 -6.09
C MET A 138 2.82 13.29 -6.58
N ASP A 139 3.37 12.16 -7.05
CA ASP A 139 2.57 11.09 -7.62
C ASP A 139 2.90 9.73 -7.00
N ALA A 140 3.54 9.72 -5.83
CA ALA A 140 4.02 8.49 -5.19
C ALA A 140 3.37 8.36 -3.82
N PHE A 141 2.16 7.78 -3.80
CA PHE A 141 1.43 7.63 -2.55
C PHE A 141 2.16 6.72 -1.56
N GLY A 142 2.85 5.70 -2.06
CA GLY A 142 3.54 4.75 -1.21
C GLY A 142 4.65 5.34 -0.37
N THR A 143 5.06 6.57 -0.66
CA THR A 143 6.05 7.29 0.15
C THR A 143 5.47 8.51 0.81
N ALA A 144 4.16 8.75 0.68
CA ALA A 144 3.54 9.98 1.17
C ALA A 144 3.51 10.05 2.69
N HIS A 145 3.75 8.95 3.40
CA HIS A 145 3.71 8.95 4.85
C HIS A 145 5.04 9.30 5.50
N ARG A 146 6.06 9.62 4.70
CA ARG A 146 7.36 10.00 5.22
C ARG A 146 7.80 11.30 4.58
N ALA A 147 8.34 12.21 5.40
CA ALA A 147 8.78 13.53 4.94
C ALA A 147 10.23 13.42 4.47
N GLU A 148 10.43 13.42 3.16
CA GLU A 148 11.76 13.32 2.57
C GLU A 148 11.92 14.41 1.52
N GLY A 149 13.17 14.65 1.12
CA GLY A 149 13.48 15.78 0.25
C GLY A 149 12.67 15.79 -1.03
N SER A 150 12.47 14.61 -1.63
CA SER A 150 11.74 14.48 -2.88
C SER A 150 10.25 14.26 -2.68
N THR A 151 9.78 14.04 -1.45
CA THR A 151 8.37 13.81 -1.18
C THR A 151 7.70 14.94 -0.42
N HIS A 152 8.46 15.84 0.19
CA HIS A 152 7.90 16.83 1.09
C HIS A 152 8.59 18.17 0.96
N GLY A 153 9.90 18.20 1.21
CA GLY A 153 10.62 19.46 1.23
C GLY A 153 10.53 20.21 -0.08
N VAL A 154 10.65 19.50 -1.20
CA VAL A 154 10.57 20.15 -2.50
C VAL A 154 9.21 20.82 -2.69
N ALA A 155 8.16 20.26 -2.10
CA ALA A 155 6.84 20.88 -2.20
C ALA A 155 6.74 22.16 -1.38
N LYS A 156 7.58 22.33 -0.36
CA LYS A 156 7.59 23.58 0.38
C LYS A 156 8.13 24.73 -0.45
N PHE A 157 9.06 24.45 -1.38
CA PHE A 157 9.81 25.49 -2.05
C PHE A 157 9.52 25.60 -3.54
N ALA A 158 8.85 24.63 -4.15
CA ALA A 158 8.52 24.73 -5.57
C ALA A 158 7.57 25.90 -5.80
N LYS A 159 7.70 26.53 -6.97
CA LYS A 159 6.79 27.62 -7.32
C LYS A 159 5.35 27.15 -7.36
N VAL A 160 5.13 25.93 -7.85
CA VAL A 160 3.81 25.30 -7.86
C VAL A 160 3.98 23.85 -7.42
N ALA A 161 3.07 23.38 -6.56
CA ALA A 161 3.09 22.02 -6.06
C ALA A 161 1.70 21.42 -6.17
N ALA A 162 1.59 20.28 -6.85
CA ALA A 162 0.30 19.64 -7.09
C ALA A 162 0.45 18.13 -6.99
N ALA A 163 -0.70 17.46 -6.92
CA ALA A 163 -0.74 16.00 -6.87
C ALA A 163 -0.92 15.44 -8.28
N GLY A 164 -0.27 14.32 -8.53
CA GLY A 164 -0.46 13.60 -9.76
C GLY A 164 -1.76 12.84 -9.77
N PRO A 165 -2.16 12.40 -10.95
CA PRO A 165 -3.44 11.66 -11.06
C PRO A 165 -3.43 10.33 -10.33
N LEU A 166 -2.27 9.69 -10.17
CA LEU A 166 -2.20 8.46 -9.40
C LEU A 166 -2.44 8.72 -7.91
N LEU A 167 -1.76 9.72 -7.36
CA LEU A 167 -1.98 10.09 -5.96
C LEU A 167 -3.41 10.56 -5.73
N ALA A 168 -3.93 11.36 -6.65
CA ALA A 168 -5.32 11.82 -6.53
C ALA A 168 -6.28 10.65 -6.57
N ALA A 169 -5.99 9.64 -7.40
CA ALA A 169 -6.85 8.47 -7.46
C ALA A 169 -6.82 7.69 -6.15
N GLU A 170 -5.63 7.53 -5.57
CA GLU A 170 -5.51 6.83 -4.30
C GLU A 170 -6.29 7.57 -3.20
N LEU A 171 -6.16 8.89 -3.15
CA LEU A 171 -6.84 9.66 -2.12
C LEU A 171 -8.36 9.62 -2.32
N ASP A 172 -8.82 9.61 -3.57
CA ASP A 172 -10.25 9.49 -3.84
C ASP A 172 -10.80 8.16 -3.31
N ALA A 173 -10.16 7.06 -3.70
CA ALA A 173 -10.67 5.75 -3.31
C ALA A 173 -10.64 5.56 -1.80
N LEU A 174 -9.56 5.97 -1.14
CA LEU A 174 -9.46 5.80 0.30
C LEU A 174 -10.51 6.62 1.03
N GLY A 175 -10.71 7.88 0.60
CA GLY A 175 -11.74 8.70 1.21
C GLY A 175 -13.14 8.15 1.00
N LYS A 176 -13.36 7.46 -0.12
CA LYS A 176 -14.63 6.80 -0.35
C LYS A 176 -14.89 5.69 0.67
N ALA A 177 -13.83 5.01 1.10
CA ALA A 177 -13.96 3.87 1.99
C ALA A 177 -13.87 4.23 3.47
N LEU A 178 -13.27 5.39 3.80
CA LEU A 178 -13.06 5.76 5.18
C LEU A 178 -13.82 7.00 5.62
N GLY A 179 -14.31 7.82 4.69
CA GLY A 179 -15.14 8.95 5.03
C GLY A 179 -16.59 8.71 4.70
N ALA A 180 -17.40 8.42 5.72
CA ALA A 180 -18.80 8.05 5.60
C ALA A 180 -19.00 7.00 4.49
N PRO A 181 -18.43 5.81 4.65
CA PRO A 181 -18.58 4.78 3.61
C PRO A 181 -20.02 4.31 3.50
N ALA A 182 -20.30 3.64 2.39
CA ALA A 182 -21.62 3.06 2.18
C ALA A 182 -21.81 1.88 3.12
N LYS A 183 -22.86 1.95 3.97
CA LYS A 183 -23.14 0.97 5.01
C LYS A 183 -24.01 -0.17 4.46
N PRO A 184 -23.81 -1.40 4.95
CA PRO A 184 -22.82 -1.76 5.98
C PRO A 184 -21.40 -1.87 5.43
N MET A 185 -20.42 -1.53 6.25
CA MET A 185 -19.01 -1.64 5.87
C MET A 185 -18.37 -2.79 6.63
N ALA A 186 -17.63 -3.63 5.91
CA ALA A 186 -16.86 -4.70 6.50
C ALA A 186 -15.38 -4.45 6.26
N ALA A 187 -14.56 -4.83 7.23
CA ALA A 187 -13.11 -4.78 7.09
C ALA A 187 -12.52 -6.13 7.44
N ILE A 188 -11.49 -6.52 6.70
CA ILE A 188 -10.71 -7.71 6.99
C ILE A 188 -9.30 -7.27 7.36
N VAL A 189 -8.87 -7.58 8.58
CA VAL A 189 -7.57 -7.16 9.09
C VAL A 189 -6.86 -8.39 9.62
N ALA A 190 -5.70 -8.70 9.04
CA ALA A 190 -4.88 -9.81 9.50
C ALA A 190 -3.44 -9.36 9.67
N GLY A 191 -2.72 -10.11 10.50
CA GLY A 191 -1.35 -9.78 10.83
C GLY A 191 -0.91 -10.65 11.98
N SER A 192 0.39 -10.59 12.26
CA SER A 192 0.94 -11.44 13.31
C SER A 192 0.66 -10.94 14.71
N LYS A 193 0.38 -9.64 14.88
CA LYS A 193 0.25 -9.08 16.22
C LYS A 193 -0.79 -7.96 16.25
N VAL A 194 -1.64 -7.99 17.29
CA VAL A 194 -2.57 -6.89 17.52
C VAL A 194 -1.81 -5.59 17.77
N SER A 195 -0.72 -5.67 18.54
CA SER A 195 0.03 -4.47 18.89
C SER A 195 0.56 -3.74 17.66
N THR A 196 1.04 -4.49 16.67
CA THR A 196 1.61 -3.87 15.48
C THR A 196 0.55 -3.23 14.59
N LYS A 197 -0.71 -3.66 14.69
CA LYS A 197 -1.80 -3.08 13.94
C LYS A 197 -2.86 -2.49 14.87
N LEU A 198 -2.44 -1.95 16.01
CA LEU A 198 -3.39 -1.48 17.02
C LEU A 198 -4.17 -0.27 16.52
N ASP A 199 -3.48 0.72 15.95
CA ASP A 199 -4.17 1.91 15.47
C ASP A 199 -5.05 1.60 14.26
N VAL A 200 -4.66 0.63 13.44
CA VAL A 200 -5.51 0.20 12.33
C VAL A 200 -6.80 -0.40 12.85
N LEU A 201 -6.70 -1.30 13.84
CA LEU A 201 -7.88 -1.93 14.41
C LEU A 201 -8.77 -0.91 15.11
N ASN A 202 -8.17 -0.01 15.89
CA ASN A 202 -8.96 0.98 16.62
C ASN A 202 -9.68 1.93 15.66
N SER A 203 -8.99 2.36 14.60
CA SER A 203 -9.60 3.28 13.65
C SER A 203 -10.77 2.61 12.93
N LEU A 204 -10.58 1.38 12.48
CA LEU A 204 -11.65 0.67 11.78
C LEU A 204 -12.77 0.28 12.72
N SER A 205 -12.48 0.10 14.02
CA SER A 205 -13.49 -0.34 14.95
C SER A 205 -14.62 0.66 15.10
N GLN A 206 -14.38 1.94 14.82
CA GLN A 206 -15.43 2.95 14.86
C GLN A 206 -15.96 3.32 13.48
N ILE A 207 -15.36 2.80 12.41
CA ILE A 207 -15.78 3.10 11.05
C ILE A 207 -16.69 2.00 10.48
N CYS A 208 -16.27 0.74 10.63
CA CYS A 208 -16.97 -0.37 10.00
CA CYS A 208 -16.97 -0.38 10.01
C CYS A 208 -18.07 -0.91 10.92
N ASP A 209 -18.91 -1.76 10.33
CA ASP A 209 -19.96 -2.47 11.05
C ASP A 209 -19.62 -3.93 11.29
N LEU A 210 -18.61 -4.44 10.58
CA LEU A 210 -18.18 -5.83 10.70
C LEU A 210 -16.66 -5.87 10.58
N LEU A 211 -16.00 -6.49 11.56
CA LEU A 211 -14.55 -6.57 11.59
C LEU A 211 -14.16 -8.05 11.60
N ILE A 212 -13.66 -8.53 10.47
CA ILE A 212 -13.13 -9.89 10.36
C ILE A 212 -11.62 -9.83 10.61
N VAL A 213 -11.14 -10.66 11.54
CA VAL A 213 -9.72 -10.69 11.86
C VAL A 213 -9.14 -12.03 11.41
N GLY A 214 -7.86 -12.01 11.06
CA GLY A 214 -7.17 -13.21 10.63
C GLY A 214 -5.75 -13.24 11.17
N GLY A 215 -5.12 -14.40 11.02
CA GLY A 215 -3.73 -14.55 11.43
C GLY A 215 -3.54 -14.46 12.94
N GLY A 216 -2.37 -13.95 13.33
CA GLY A 216 -2.08 -13.81 14.75
C GLY A 216 -3.04 -12.88 15.47
N ILE A 217 -3.55 -11.87 14.75
CA ILE A 217 -4.57 -11.01 15.33
C ILE A 217 -5.78 -11.82 15.76
N ALA A 218 -6.21 -12.75 14.89
CA ALA A 218 -7.35 -13.60 15.22
C ALA A 218 -7.06 -14.49 16.41
N ASP A 219 -5.79 -14.89 16.59
CA ASP A 219 -5.42 -15.70 17.76
C ASP A 219 -5.70 -14.94 19.05
N THR A 220 -5.29 -13.67 19.11
CA THR A 220 -5.49 -12.88 20.32
C THR A 220 -6.98 -12.66 20.59
N PHE A 221 -7.77 -12.45 19.54
CA PHE A 221 -9.20 -12.29 19.73
C PHE A 221 -9.85 -13.61 20.15
N LEU A 222 -9.36 -14.73 19.62
CA LEU A 222 -9.87 -16.03 20.03
C LEU A 222 -9.55 -16.30 21.51
N ALA A 223 -8.31 -16.03 21.91
CA ALA A 223 -7.94 -16.23 23.30
C ALA A 223 -8.63 -15.23 24.22
N ALA A 224 -8.99 -14.05 23.71
CA ALA A 224 -9.70 -13.07 24.50
C ALA A 224 -11.13 -13.51 24.83
N ALA A 225 -11.71 -14.38 24.00
CA ALA A 225 -12.99 -15.00 24.29
C ALA A 225 -12.83 -16.31 25.05
N GLY A 226 -11.63 -16.62 25.53
CA GLY A 226 -11.41 -17.83 26.29
C GLY A 226 -11.25 -19.09 25.47
N HIS A 227 -10.95 -18.97 24.17
CA HIS A 227 -10.84 -20.14 23.33
C HIS A 227 -9.39 -20.64 23.28
N PRO A 228 -9.18 -21.94 23.05
CA PRO A 228 -7.82 -22.47 22.96
C PRO A 228 -7.23 -22.23 21.57
N VAL A 229 -6.01 -21.73 21.52
CA VAL A 229 -5.31 -21.48 20.26
C VAL A 229 -4.08 -22.37 20.09
N GLY A 230 -3.66 -23.09 21.12
CA GLY A 230 -2.55 -24.02 20.96
C GLY A 230 -1.24 -23.30 20.76
N LYS A 231 -0.42 -23.84 19.85
CA LYS A 231 0.91 -23.32 19.56
C LYS A 231 0.83 -22.21 18.51
N SER A 232 0.01 -21.20 18.82
CA SER A 232 -0.21 -20.07 17.92
C SER A 232 0.02 -18.77 18.68
N LEU A 233 0.75 -17.85 18.06
CA LEU A 233 1.19 -16.64 18.75
C LEU A 233 0.01 -15.73 19.05
N TYR A 234 -0.09 -15.31 20.31
CA TYR A 234 -1.01 -14.26 20.72
C TYR A 234 -0.31 -13.42 21.77
N GLU A 235 -0.88 -12.26 22.08
CA GLU A 235 -0.27 -11.33 23.01
C GLU A 235 -1.08 -11.25 24.28
N PRO A 236 -0.62 -11.85 25.38
CA PRO A 236 -1.37 -11.77 26.64
C PRO A 236 -1.59 -10.36 27.14
N ASP A 237 -0.66 -9.44 26.90
CA ASP A 237 -0.86 -8.08 27.38
C ASP A 237 -1.88 -7.29 26.56
N LEU A 238 -2.63 -7.91 25.64
CA LEU A 238 -3.53 -7.16 24.77
C LEU A 238 -4.91 -7.81 24.64
N LEU A 239 -5.22 -8.84 25.43
CA LEU A 239 -6.56 -9.41 25.35
C LEU A 239 -7.61 -8.45 25.87
N ASP A 240 -7.25 -7.61 26.84
CA ASP A 240 -8.16 -6.57 27.29
C ASP A 240 -8.46 -5.59 26.15
N THR A 241 -7.43 -5.22 25.40
CA THR A 241 -7.63 -4.34 24.24
C THR A 241 -8.53 -5.01 23.20
N ALA A 242 -8.30 -6.30 22.94
CA ALA A 242 -9.15 -7.02 22.00
C ALA A 242 -10.58 -7.08 22.48
N ARG A 243 -10.78 -7.27 23.80
CA ARG A 243 -12.13 -7.26 24.35
C ARG A 243 -12.81 -5.92 24.14
N ALA A 244 -12.06 -4.82 24.32
CA ALA A 244 -12.63 -3.50 24.09
C ALA A 244 -13.01 -3.30 22.64
N ILE A 245 -12.18 -3.78 21.71
CA ILE A 245 -12.49 -3.66 20.29
C ILE A 245 -13.76 -4.44 19.95
N ALA A 246 -13.86 -5.67 20.46
CA ALA A 246 -15.03 -6.50 20.18
C ALA A 246 -16.30 -5.96 20.84
N ALA A 247 -16.17 -5.10 21.85
CA ALA A 247 -17.33 -4.45 22.44
C ALA A 247 -17.78 -3.24 21.63
N LYS A 248 -16.89 -2.67 20.81
CA LYS A 248 -17.21 -1.52 19.98
C LYS A 248 -17.65 -1.89 18.58
N VAL A 249 -17.21 -3.04 18.07
CA VAL A 249 -17.56 -3.50 16.72
C VAL A 249 -17.75 -5.01 16.76
N ASN A 250 -18.60 -5.51 15.87
CA ASN A 250 -18.86 -6.95 15.78
C ASN A 250 -17.65 -7.66 15.19
N VAL A 251 -16.96 -8.45 16.00
CA VAL A 251 -15.85 -9.27 15.53
C VAL A 251 -16.26 -10.74 15.62
N PRO A 252 -16.79 -11.33 14.55
CA PRO A 252 -17.19 -12.74 14.61
C PRO A 252 -15.97 -13.64 14.74
N LEU A 253 -16.10 -14.63 15.59
CA LEU A 253 -14.96 -15.50 15.78
C LEU A 253 -15.12 -16.78 14.95
N PRO A 254 -14.03 -17.43 14.59
CA PRO A 254 -14.12 -18.62 13.73
C PRO A 254 -14.88 -19.75 14.40
N THR A 255 -15.72 -20.43 13.60
CA THR A 255 -16.36 -21.66 14.06
C THR A 255 -15.37 -22.82 14.07
N ASP A 256 -14.63 -22.99 12.98
CA ASP A 256 -13.64 -24.05 12.85
C ASP A 256 -12.36 -23.46 12.28
N VAL A 257 -11.27 -24.21 12.45
CA VAL A 257 -9.95 -23.80 11.98
C VAL A 257 -9.27 -25.00 11.32
N VAL A 258 -8.23 -24.70 10.55
CA VAL A 258 -7.33 -25.71 9.99
C VAL A 258 -6.04 -25.68 10.80
N VAL A 259 -5.63 -26.84 11.31
CA VAL A 259 -4.45 -26.93 12.14
C VAL A 259 -3.51 -28.00 11.59
N ALA A 260 -2.26 -27.91 12.01
CA ALA A 260 -1.24 -28.92 11.73
C ALA A 260 -0.21 -28.85 12.84
N LYS A 261 0.41 -29.99 13.13
CA LYS A 261 1.38 -30.05 14.22
C LYS A 261 2.78 -29.65 13.79
N GLU A 262 3.07 -29.67 12.50
CA GLU A 262 4.37 -29.24 11.97
C GLU A 262 4.24 -29.11 10.47
N PHE A 263 5.26 -28.52 9.86
CA PHE A 263 5.39 -28.47 8.40
C PHE A 263 6.32 -29.61 8.00
N ALA A 264 5.73 -30.69 7.51
CA ALA A 264 6.50 -31.87 7.14
C ALA A 264 5.71 -32.68 6.12
N GLU A 265 6.38 -33.66 5.51
CA GLU A 265 5.71 -34.51 4.54
C GLU A 265 4.64 -35.38 5.19
N SER A 266 4.88 -35.82 6.42
CA SER A 266 3.90 -36.62 7.13
C SER A 266 3.01 -35.79 8.03
N ALA A 267 2.71 -34.56 7.60
CA ALA A 267 1.92 -33.62 8.37
C ALA A 267 0.55 -33.48 7.73
N GLU A 268 -0.47 -33.98 8.40
CA GLU A 268 -1.84 -33.82 7.92
C GLU A 268 -2.39 -32.48 8.38
N ALA A 269 -3.05 -31.77 7.47
CA ALA A 269 -3.82 -30.60 7.84
C ALA A 269 -5.21 -31.05 8.25
N THR A 270 -5.65 -30.62 9.44
CA THR A 270 -6.88 -31.11 10.04
C THR A 270 -7.82 -29.94 10.33
N VAL A 271 -9.08 -30.10 9.97
CA VAL A 271 -10.13 -29.17 10.34
C VAL A 271 -10.68 -29.57 11.70
N LYS A 272 -10.66 -28.64 12.65
CA LYS A 272 -11.15 -28.88 13.99
C LYS A 272 -12.02 -27.71 14.44
N LEU A 273 -13.00 -28.01 15.28
CA LEU A 273 -13.75 -26.95 15.92
C LEU A 273 -12.88 -26.23 16.94
N ILE A 274 -13.18 -24.95 17.15
CA ILE A 274 -12.27 -24.07 17.89
C ILE A 274 -12.05 -24.58 19.31
N ALA A 275 -13.03 -25.25 19.91
CA ALA A 275 -12.86 -25.81 21.24
C ALA A 275 -11.95 -27.03 21.25
N ASP A 276 -11.66 -27.60 20.08
CA ASP A 276 -10.92 -28.86 19.99
C ASP A 276 -9.48 -28.67 19.55
N VAL A 277 -8.93 -27.48 19.70
CA VAL A 277 -7.53 -27.24 19.32
C VAL A 277 -6.63 -27.70 20.46
N ALA A 278 -5.59 -28.45 20.11
CA ALA A 278 -4.71 -29.04 21.10
C ALA A 278 -3.52 -28.13 21.37
N ALA A 279 -2.79 -28.45 22.44
CA ALA A 279 -1.68 -27.60 22.88
C ALA A 279 -0.57 -27.53 21.83
N ASP A 280 -0.41 -28.58 21.02
CA ASP A 280 0.63 -28.62 20.00
C ASP A 280 0.07 -28.40 18.59
N ASP A 281 -1.15 -27.87 18.49
CA ASP A 281 -1.73 -27.52 17.20
C ASP A 281 -1.36 -26.08 16.83
N MET A 282 -1.07 -25.88 15.55
CA MET A 282 -0.83 -24.55 15.01
C MET A 282 -2.02 -24.16 14.14
N ILE A 283 -2.70 -23.08 14.51
CA ILE A 283 -3.81 -22.57 13.72
C ILE A 283 -3.24 -21.85 12.51
N LEU A 284 -3.53 -22.37 11.32
CA LEU A 284 -2.91 -21.88 10.09
C LEU A 284 -3.91 -21.44 9.03
N ASP A 285 -5.21 -21.59 9.29
CA ASP A 285 -6.25 -21.11 8.40
C ASP A 285 -7.58 -21.17 9.15
N ILE A 286 -8.56 -20.44 8.64
CA ILE A 286 -9.93 -20.60 9.12
C ILE A 286 -10.53 -21.83 8.44
N GLY A 287 -11.43 -22.50 9.14
CA GLY A 287 -12.04 -23.71 8.63
C GLY A 287 -13.05 -23.42 7.55
N PRO A 288 -13.48 -24.48 6.86
CA PRO A 288 -14.44 -24.31 5.76
C PRO A 288 -15.79 -23.78 6.23
N GLN A 289 -16.24 -24.14 7.42
CA GLN A 289 -17.49 -23.57 7.93
C GLN A 289 -17.36 -22.08 8.18
N THR A 290 -16.26 -21.68 8.83
CA THR A 290 -16.04 -20.25 9.08
C THR A 290 -15.88 -19.48 7.79
N ALA A 291 -15.15 -20.05 6.82
CA ALA A 291 -14.96 -19.38 5.54
C ALA A 291 -16.28 -19.14 4.83
N GLU A 292 -17.19 -20.12 4.88
CA GLU A 292 -18.49 -19.95 4.24
C GLU A 292 -19.34 -18.94 4.99
N HIS A 293 -19.31 -18.97 6.33
CA HIS A 293 -20.10 -17.99 7.09
C HIS A 293 -19.56 -16.59 6.91
N PHE A 294 -18.24 -16.41 6.94
CA PHE A 294 -17.66 -15.09 6.70
C PHE A 294 -17.99 -14.60 5.30
N ALA A 295 -18.01 -15.51 4.32
CA ALA A 295 -18.35 -15.12 2.96
C ALA A 295 -19.79 -14.64 2.86
N GLN A 296 -20.70 -15.27 3.60
CA GLN A 296 -22.09 -14.83 3.59
C GLN A 296 -22.25 -13.48 4.28
N LEU A 297 -21.45 -13.21 5.31
CA LEU A 297 -21.51 -11.90 5.95
C LEU A 297 -21.02 -10.80 5.01
N LEU A 298 -19.96 -11.07 4.25
CA LEU A 298 -19.38 -10.07 3.36
C LEU A 298 -20.26 -9.79 2.14
N LYS A 299 -21.14 -10.73 1.77
CA LYS A 299 -21.81 -10.67 0.48
C LYS A 299 -22.71 -9.45 0.34
N THR A 300 -23.28 -8.98 1.45
CA THR A 300 -24.21 -7.85 1.41
C THR A 300 -23.57 -6.54 1.82
N SER A 301 -22.25 -6.52 2.05
CA SER A 301 -21.59 -5.27 2.38
C SER A 301 -21.66 -4.30 1.21
N LYS A 302 -21.73 -3.01 1.53
CA LYS A 302 -21.62 -1.97 0.52
C LYS A 302 -20.21 -1.39 0.43
N THR A 303 -19.37 -1.64 1.42
CA THR A 303 -17.97 -1.24 1.42
C THR A 303 -17.14 -2.33 2.10
N ILE A 304 -16.06 -2.74 1.46
CA ILE A 304 -15.16 -3.75 2.02
C ILE A 304 -13.74 -3.20 1.99
N LEU A 305 -13.08 -3.21 3.15
CA LEU A 305 -11.67 -2.88 3.27
C LEU A 305 -10.91 -4.16 3.58
N TRP A 306 -10.05 -4.57 2.66
CA TRP A 306 -9.35 -5.86 2.74
C TRP A 306 -7.88 -5.61 3.02
N ASN A 307 -7.41 -6.06 4.20
CA ASN A 307 -6.02 -5.89 4.61
C ASN A 307 -5.55 -7.17 5.30
N GLY A 308 -5.31 -8.22 4.50
CA GLY A 308 -4.71 -9.43 5.01
C GLY A 308 -5.44 -10.70 4.63
N PRO A 309 -4.69 -11.76 4.34
CA PRO A 309 -5.28 -13.09 4.18
C PRO A 309 -5.61 -13.68 5.54
N VAL A 310 -6.44 -14.72 5.52
CA VAL A 310 -6.89 -15.35 6.76
C VAL A 310 -6.21 -16.69 7.01
N GLY A 311 -5.09 -16.93 6.34
CA GLY A 311 -4.31 -18.14 6.58
C GLY A 311 -3.00 -18.06 5.84
N VAL A 312 -2.13 -19.03 6.14
CA VAL A 312 -0.85 -19.14 5.43
C VAL A 312 -1.15 -19.67 4.03
N PHE A 313 -1.75 -18.82 3.19
CA PHE A 313 -2.33 -19.23 1.93
C PHE A 313 -1.29 -19.67 0.90
N GLU A 314 -0.01 -19.36 1.11
CA GLU A 314 1.02 -19.85 0.19
C GLU A 314 1.12 -21.37 0.21
N PHE A 315 0.66 -22.01 1.28
CA PHE A 315 0.39 -23.45 1.27
C PHE A 315 -1.06 -23.66 0.84
N ASP A 316 -1.25 -24.54 -0.16
CA ASP A 316 -2.60 -24.78 -0.65
C ASP A 316 -3.50 -25.36 0.42
N GLN A 317 -2.94 -26.20 1.30
CA GLN A 317 -3.74 -26.80 2.36
C GLN A 317 -4.17 -25.79 3.43
N PHE A 318 -3.51 -24.63 3.48
CA PHE A 318 -3.90 -23.56 4.39
C PHE A 318 -4.40 -22.33 3.65
N GLY A 319 -4.84 -22.50 2.39
CA GLY A 319 -5.24 -21.36 1.59
C GLY A 319 -6.72 -21.33 1.23
N ASN A 320 -7.49 -22.29 1.74
CA ASN A 320 -8.91 -22.33 1.41
C ASN A 320 -9.65 -21.12 1.96
N GLY A 321 -9.35 -20.71 3.20
CA GLY A 321 -10.03 -19.58 3.78
C GLY A 321 -9.82 -18.29 3.00
N THR A 322 -8.58 -18.04 2.58
CA THR A 322 -8.29 -16.84 1.80
C THR A 322 -8.90 -16.92 0.41
N LYS A 323 -8.89 -18.11 -0.19
CA LYS A 323 -9.48 -18.29 -1.52
C LYS A 323 -10.97 -18.03 -1.49
N VAL A 324 -11.68 -18.56 -0.48
CA VAL A 324 -13.12 -18.36 -0.39
C VAL A 324 -13.44 -16.89 -0.14
N LEU A 325 -12.66 -16.22 0.70
CA LEU A 325 -12.93 -14.82 0.99
C LEU A 325 -12.61 -13.93 -0.21
N ALA A 326 -11.56 -14.27 -0.95
CA ALA A 326 -11.23 -13.51 -2.16
C ALA A 326 -12.37 -13.58 -3.17
N LYS A 327 -12.96 -14.77 -3.35
CA LYS A 327 -14.10 -14.89 -4.25
C LYS A 327 -15.31 -14.16 -3.69
N ALA A 328 -15.52 -14.22 -2.37
CA ALA A 328 -16.64 -13.51 -1.78
C ALA A 328 -16.54 -12.01 -2.02
N ILE A 329 -15.34 -11.44 -1.81
CA ILE A 329 -15.14 -10.02 -2.06
C ILE A 329 -15.33 -9.70 -3.54
N ALA A 330 -14.76 -10.54 -4.41
CA ALA A 330 -14.85 -10.31 -5.85
C ALA A 330 -16.30 -10.40 -6.33
N ASP A 331 -17.06 -11.36 -5.79
CA ASP A 331 -18.45 -11.52 -6.20
C ASP A 331 -19.36 -10.44 -5.64
N SER A 332 -18.97 -9.80 -4.54
CA SER A 332 -19.82 -8.81 -3.91
C SER A 332 -19.90 -7.54 -4.75
N ALA A 333 -21.05 -6.86 -4.68
CA ALA A 333 -21.23 -5.58 -5.35
C ALA A 333 -20.68 -4.42 -4.53
N ALA A 334 -20.03 -4.70 -3.41
CA ALA A 334 -19.48 -3.65 -2.56
C ALA A 334 -18.35 -2.91 -3.27
N PHE A 335 -18.07 -1.71 -2.79
CA PHE A 335 -16.85 -1.00 -3.16
C PHE A 335 -15.71 -1.64 -2.39
N SER A 336 -14.84 -2.38 -3.09
CA SER A 336 -13.77 -3.13 -2.44
C SER A 336 -12.45 -2.39 -2.58
N ILE A 337 -11.75 -2.19 -1.47
CA ILE A 337 -10.44 -1.58 -1.48
C ILE A 337 -9.50 -2.50 -0.71
N ALA A 338 -8.36 -2.83 -1.32
CA ALA A 338 -7.39 -3.73 -0.75
C ALA A 338 -6.03 -3.05 -0.65
N GLY A 339 -5.26 -3.43 0.36
CA GLY A 339 -3.95 -2.86 0.57
C GLY A 339 -3.09 -3.79 1.41
N GLY A 340 -1.79 -3.69 1.23
CA GLY A 340 -0.85 -4.53 1.94
C GLY A 340 -0.25 -5.55 0.99
N GLY A 341 1.06 -5.77 1.12
CA GLY A 341 1.75 -6.69 0.22
C GLY A 341 1.20 -8.10 0.30
N ASP A 342 0.85 -8.56 1.51
CA ASP A 342 0.26 -9.88 1.65
C ASP A 342 -1.08 -9.97 0.92
N THR A 343 -1.90 -8.93 1.03
CA THR A 343 -3.21 -8.93 0.39
C THR A 343 -3.08 -8.95 -1.13
N LEU A 344 -2.18 -8.12 -1.67
CA LEU A 344 -2.00 -8.08 -3.12
C LEU A 344 -1.44 -9.40 -3.63
N ALA A 345 -0.61 -10.09 -2.83
CA ALA A 345 -0.13 -11.41 -3.21
C ALA A 345 -1.27 -12.41 -3.33
N ALA A 346 -2.22 -12.37 -2.40
CA ALA A 346 -3.37 -13.25 -2.48
C ALA A 346 -4.26 -12.89 -3.67
N ILE A 347 -4.40 -11.59 -3.95
CA ILE A 347 -5.18 -11.15 -5.11
C ILE A 347 -4.60 -11.73 -6.39
N ASP A 348 -3.28 -11.73 -6.52
CA ASP A 348 -2.64 -12.29 -7.70
C ASP A 348 -2.86 -13.80 -7.77
N LYS A 349 -2.68 -14.50 -6.65
CA LYS A 349 -2.75 -15.96 -6.66
C LYS A 349 -4.13 -16.45 -7.06
N TYR A 350 -5.18 -15.80 -6.57
CA TYR A 350 -6.54 -16.24 -6.81
C TYR A 350 -7.24 -15.47 -7.92
N GLY A 351 -6.54 -14.55 -8.57
CA GLY A 351 -7.01 -13.94 -9.81
C GLY A 351 -8.27 -13.11 -9.72
N VAL A 352 -8.36 -12.23 -8.73
CA VAL A 352 -9.56 -11.42 -8.52
C VAL A 352 -9.26 -9.94 -8.69
N ALA A 353 -8.12 -9.59 -9.30
CA ALA A 353 -7.69 -8.20 -9.36
C ALA A 353 -8.71 -7.31 -10.06
N ASP A 354 -9.23 -7.76 -11.21
CA ASP A 354 -10.15 -6.93 -11.97
C ASP A 354 -11.49 -6.75 -11.27
N GLN A 355 -11.82 -7.60 -10.29
CA GLN A 355 -13.07 -7.49 -9.57
C GLN A 355 -12.94 -6.72 -8.25
N ILE A 356 -11.76 -6.26 -7.90
CA ILE A 356 -11.55 -5.42 -6.72
C ILE A 356 -11.66 -3.97 -7.16
N SER A 357 -12.46 -3.19 -6.44
CA SER A 357 -12.77 -1.83 -6.89
C SER A 357 -11.52 -0.97 -6.95
N TYR A 358 -10.68 -1.03 -5.92
CA TYR A 358 -9.41 -0.31 -5.94
C TYR A 358 -8.34 -1.10 -5.21
N ILE A 359 -7.19 -1.25 -5.85
CA ILE A 359 -6.06 -2.00 -5.30
C ILE A 359 -4.98 -0.99 -4.96
N SER A 360 -4.80 -0.70 -3.67
CA SER A 360 -3.80 0.25 -3.23
C SER A 360 -2.44 -0.44 -3.11
N THR A 361 -1.44 0.13 -3.76
CA THR A 361 -0.06 -0.32 -3.63
C THR A 361 0.71 0.49 -2.59
N GLY A 362 0.00 1.23 -1.71
CA GLY A 362 0.66 2.17 -0.82
C GLY A 362 1.32 1.55 0.39
N GLY A 363 0.99 0.30 0.71
CA GLY A 363 1.62 -0.41 1.81
C GLY A 363 1.55 0.31 3.14
N GLY A 364 2.70 0.75 3.65
CA GLY A 364 2.73 1.41 4.94
C GLY A 364 1.95 2.71 4.95
N ALA A 365 2.01 3.47 3.85
CA ALA A 365 1.23 4.70 3.75
C ALA A 365 -0.26 4.38 3.74
N PHE A 366 -0.64 3.28 3.09
CA PHE A 366 -2.03 2.84 3.11
C PHE A 366 -2.52 2.63 4.52
N LEU A 367 -1.72 1.94 5.35
CA LEU A 367 -2.11 1.67 6.73
C LEU A 367 -2.23 2.96 7.53
N GLU A 368 -1.24 3.85 7.40
CA GLU A 368 -1.27 5.09 8.17
C GLU A 368 -2.44 5.98 7.78
N PHE A 369 -2.86 5.93 6.51
CA PHE A 369 -4.08 6.64 6.13
C PHE A 369 -5.30 6.03 6.81
N VAL A 370 -5.39 4.69 6.84
CA VAL A 370 -6.50 4.02 7.51
C VAL A 370 -6.51 4.36 9.00
N GLU A 371 -5.32 4.51 9.60
CA GLU A 371 -5.22 4.88 11.00
C GLU A 371 -5.71 6.29 11.28
N GLY A 372 -5.92 7.11 10.24
CA GLY A 372 -6.30 8.49 10.43
C GLY A 372 -5.13 9.43 10.66
N LYS A 373 -3.90 8.97 10.43
CA LYS A 373 -2.74 9.82 10.63
C LYS A 373 -2.59 10.82 9.48
N VAL A 374 -1.97 11.95 9.78
CA VAL A 374 -1.68 12.96 8.77
C VAL A 374 -0.49 12.49 7.95
N LEU A 375 -0.69 12.39 6.64
CA LEU A 375 0.39 12.01 5.73
C LEU A 375 1.14 13.27 5.31
N PRO A 376 2.43 13.39 5.63
CA PRO A 376 3.11 14.68 5.42
C PRO A 376 3.14 15.15 3.97
N ALA A 377 3.31 14.24 3.01
CA ALA A 377 3.32 14.66 1.60
C ALA A 377 1.99 15.26 1.20
N VAL A 378 0.89 14.76 1.77
CA VAL A 378 -0.42 15.36 1.49
C VAL A 378 -0.59 16.67 2.25
N GLU A 379 -0.03 16.76 3.46
CA GLU A 379 -0.17 17.97 4.25
C GLU A 379 0.50 19.16 3.58
N VAL A 380 1.71 18.96 3.03
CA VAL A 380 2.43 20.06 2.40
C VAL A 380 1.75 20.48 1.09
N LEU A 381 1.12 19.54 0.39
CA LEU A 381 0.38 19.90 -0.82
C LEU A 381 -0.84 20.75 -0.49
N GLU A 382 -1.55 20.39 0.59
CA GLU A 382 -2.68 21.21 1.03
C GLU A 382 -2.23 22.62 1.40
N SER A 383 -1.02 22.76 1.94
CA SER A 383 -0.50 24.08 2.27
C SER A 383 -0.25 24.93 1.02
N ARG A 384 0.05 24.29 -0.11
CA ARG A 384 0.31 24.98 -1.36
C ARG A 384 -0.93 25.15 -2.23
N ALA A 385 -2.10 24.71 -1.75
CA ALA A 385 -3.33 24.78 -2.53
C ALA A 385 -4.24 25.91 -2.08
N LYS A 386 -3.75 26.81 -1.23
CA LYS A 386 -4.56 27.92 -0.73
C LYS A 386 -4.35 29.16 -1.59
N ALA A 387 -5.35 30.04 -1.56
CA ALA A 387 -5.39 31.21 -2.44
C ALA A 387 -4.17 32.12 -2.25
#